data_8CRC
#
_entry.id   8CRC
#
_cell.length_a   39.359
_cell.length_b   51.905
_cell.length_c   51.446
_cell.angle_alpha   90.000
_cell.angle_beta   106.642
_cell.angle_gamma   90.000
#
_symmetry.space_group_name_H-M   'P 1 21 1'
#
loop_
_entity.id
_entity.type
_entity.pdbx_description
1 polymer 'Serine/threonine-protein kinase PLK1'
2 non-polymer GLYCEROL
3 non-polymer 7-chloro-4-(cyclopropylmethyl)-1-thioxo-2,4-dihydrothieno[2,3-e][1,2,4]triazolo[4,3-a]pyrimidin-5(1H)-one
4 water water
#
_entity_poly.entity_id   1
_entity_poly.type   'polypeptide(L)'
_entity_poly.pdbx_seq_one_letter_code
;GAHMDCHLSDMLQQLHSVNASKPSERGLVRQEEAEDPACIPIFWVSKWVDYSDKYGLGYQLCDNSVGVLFNDSTRLILYN
DGDSLQYIERDGTESYLTVSSHPNSLMKKITLLKYFRNYMSEHLLKAGANITPREGDELARLPYLRTWFRTRSAIILHLS
NGSVQINFFQDHTKLILCPLMAAVTYIDEKRDFRTYRLSLLEEYGCCKELASRLRYARTMVDKLLSSR
;
_entity_poly.pdbx_strand_id   A
#
loop_
_chem_comp.id
_chem_comp.type
_chem_comp.name
_chem_comp.formula
GOL non-polymer GLYCEROL 'C3 H8 O3'
VIH non-polymer 7-chloro-4-(cyclopropylmethyl)-1-thioxo-2,4-dihydrothieno[2,3-e][1,2,4]triazolo[4,3-a]pyrimidin-5(1H)-one 'C11 H9 Cl N4 O S2'
#
# COMPACT_ATOMS: atom_id res chain seq x y z
CA HIS A 3 -8.33 -13.92 13.75
C HIS A 3 -7.58 -12.73 13.16
N MET A 4 -6.87 -12.00 14.01
CA MET A 4 -6.12 -10.83 13.57
C MET A 4 -4.99 -11.23 12.62
N ASP A 5 -4.81 -10.43 11.57
CA ASP A 5 -3.75 -10.69 10.60
C ASP A 5 -2.38 -10.54 11.24
N CYS A 6 -1.48 -11.52 11.02
CA CYS A 6 -0.23 -11.55 11.79
C CYS A 6 0.68 -10.40 11.38
N HIS A 7 0.68 -10.04 10.10
CA HIS A 7 1.54 -8.94 9.64
C HIS A 7 1.04 -7.61 10.18
N LEU A 8 -0.29 -7.40 10.22
CA LEU A 8 -0.85 -6.17 10.81
C LEU A 8 -0.55 -6.10 12.31
N SER A 9 -0.66 -7.22 13.02
CA SER A 9 -0.31 -7.27 14.44
C SER A 9 1.15 -6.89 14.65
N ASP A 10 2.05 -7.44 13.81
CA ASP A 10 3.46 -7.05 13.91
C ASP A 10 3.65 -5.57 13.65
N MET A 11 2.93 -5.04 12.66
CA MET A 11 3.07 -3.63 12.33
C MET A 11 2.60 -2.78 13.51
N LEU A 12 1.47 -3.17 14.11
CA LEU A 12 0.96 -2.44 15.25
C LEU A 12 1.98 -2.39 16.37
N GLN A 13 2.66 -3.50 16.64
CA GLN A 13 3.64 -3.50 17.73
C GLN A 13 4.83 -2.61 17.36
N GLN A 14 5.27 -2.67 16.10
CA GLN A 14 6.38 -1.82 15.68
C GLN A 14 6.03 -0.35 15.82
N LEU A 15 4.80 0.02 15.46
CA LEU A 15 4.37 1.41 15.55
C LEU A 15 4.22 1.83 17.01
N HIS A 16 3.65 0.95 17.84
CA HIS A 16 3.57 1.25 19.27
C HIS A 16 4.95 1.54 19.85
N SER A 17 5.96 0.76 19.46
CA SER A 17 7.29 0.96 20.01
C SER A 17 7.90 2.29 19.56
N VAL A 18 7.87 2.60 18.25
CA VAL A 18 8.48 3.87 17.85
C VAL A 18 7.67 5.05 18.39
N ASN A 19 6.34 4.98 18.35
CA ASN A 19 5.57 6.11 18.88
C ASN A 19 5.78 6.30 20.36
N ALA A 20 5.94 5.20 21.12
CA ALA A 20 6.15 5.32 22.56
C ALA A 20 7.47 5.99 22.89
N SER A 21 8.43 5.99 21.95
CA SER A 21 9.72 6.64 22.17
C SER A 21 9.67 8.14 21.92
N LYS A 22 8.51 8.67 21.53
CA LYS A 22 8.31 10.08 21.24
C LYS A 22 9.49 10.64 20.41
N PRO A 23 9.64 10.14 19.18
CA PRO A 23 10.90 10.38 18.46
C PRO A 23 11.09 11.83 18.06
N SER A 24 10.05 12.64 18.04
CA SER A 24 10.29 14.05 17.73
C SER A 24 10.49 14.89 18.97
N GLU A 25 10.36 14.33 20.15
CA GLU A 25 10.49 15.11 21.35
C GLU A 25 11.85 14.85 21.99
N ARG A 26 12.88 15.38 21.32
CA ARG A 26 14.26 15.02 21.61
C ARG A 26 15.13 16.25 21.57
N GLY A 27 16.19 16.22 22.38
CA GLY A 27 17.17 17.28 22.32
C GLY A 27 18.08 17.17 21.13
N LEU A 28 18.15 15.97 20.55
CA LEU A 28 19.03 15.67 19.43
C LEU A 28 18.25 14.79 18.46
N VAL A 29 17.94 15.31 17.29
CA VAL A 29 17.24 14.55 16.26
C VAL A 29 18.21 14.37 15.11
N ARG A 30 18.46 13.14 14.72
CA ARG A 30 19.38 12.82 13.62
C ARG A 30 18.66 11.86 12.67
N GLN A 31 17.61 12.37 12.03
CA GLN A 31 16.73 11.48 11.28
C GLN A 31 17.48 10.77 10.15
N GLU A 32 18.46 11.43 9.56
CA GLU A 32 19.18 10.80 8.43
C GLU A 32 19.90 9.52 8.83
N GLU A 33 20.26 9.37 10.11
CA GLU A 33 20.94 8.15 10.53
C GLU A 33 20.01 6.96 10.61
N ALA A 34 18.68 7.16 10.54
CA ALA A 34 17.73 6.06 10.49
C ALA A 34 17.41 5.62 9.06
N GLU A 35 17.97 6.30 8.06
CA GLU A 35 17.66 5.94 6.67
C GLU A 35 18.39 4.64 6.31
N ASP A 36 17.67 3.74 5.65
CA ASP A 36 18.21 2.43 5.28
C ASP A 36 17.63 2.05 3.93
N PRO A 37 18.33 2.36 2.87
CA PRO A 37 17.84 2.00 1.52
C PRO A 37 17.71 0.52 1.28
N ALA A 38 18.38 -0.33 2.06
CA ALA A 38 18.13 -1.76 1.91
C ALA A 38 16.68 -2.15 2.17
N CYS A 39 15.91 -1.32 2.87
CA CYS A 39 14.51 -1.64 3.10
C CYS A 39 13.57 -1.02 2.08
N ILE A 40 14.07 -0.64 0.91
CA ILE A 40 13.20 0.06 -0.05
CA ILE A 40 13.21 0.06 -0.07
C ILE A 40 12.03 -0.83 -0.43
N PRO A 41 10.80 -0.32 -0.51
CA PRO A 41 9.71 -1.15 -1.04
C PRO A 41 9.84 -1.39 -2.53
N ILE A 42 9.51 -2.61 -2.91
CA ILE A 42 9.53 -2.93 -4.33
C ILE A 42 8.19 -2.53 -4.96
N PHE A 43 7.12 -2.61 -4.20
CA PHE A 43 5.78 -2.32 -4.69
C PHE A 43 5.16 -1.21 -3.89
N TRP A 44 4.57 -0.25 -4.59
CA TRP A 44 3.72 0.76 -3.97
C TRP A 44 2.59 1.10 -4.93
N VAL A 45 1.56 1.74 -4.39
CA VAL A 45 0.41 2.15 -5.22
C VAL A 45 0.69 3.52 -5.81
N SER A 46 0.71 3.60 -7.14
CA SER A 46 1.06 4.88 -7.79
C SER A 46 -0.16 5.70 -8.14
N LYS A 47 -1.32 5.07 -8.33
CA LYS A 47 -2.55 5.79 -8.64
C LYS A 47 -3.73 5.01 -8.08
N TRP A 48 -4.82 5.73 -7.77
CA TRP A 48 -6.05 5.07 -7.31
C TRP A 48 -7.23 5.92 -7.76
N VAL A 49 -8.39 5.27 -7.88
CA VAL A 49 -9.64 5.95 -8.21
C VAL A 49 -10.80 5.26 -7.50
N ASP A 50 -11.55 6.05 -6.75
CA ASP A 50 -12.59 5.52 -5.87
C ASP A 50 -13.97 5.70 -6.48
N TYR A 51 -14.50 4.62 -7.01
CA TYR A 51 -15.89 4.63 -7.56
C TYR A 51 -16.66 3.54 -6.81
N SER A 52 -16.37 3.43 -5.49
CA SER A 52 -16.94 2.35 -4.70
C SER A 52 -18.42 2.56 -4.42
N ASP A 53 -18.93 3.78 -4.65
CA ASP A 53 -20.37 4.01 -4.63
C ASP A 53 -21.13 3.19 -5.68
N LYS A 54 -20.46 2.81 -6.77
CA LYS A 54 -21.10 1.99 -7.80
C LYS A 54 -20.34 0.71 -8.15
N TYR A 55 -19.02 0.73 -8.27
CA TYR A 55 -18.31 -0.44 -8.78
C TYR A 55 -17.22 -0.95 -7.85
N GLY A 56 -16.35 -0.08 -7.38
CA GLY A 56 -15.21 -0.53 -6.60
C GLY A 56 -14.11 0.50 -6.66
N LEU A 57 -12.93 0.08 -6.18
CA LEU A 57 -11.75 0.91 -6.08
C LEU A 57 -10.71 0.39 -7.07
N GLY A 58 -10.28 1.26 -7.98
CA GLY A 58 -9.20 0.91 -8.90
C GLY A 58 -7.87 1.40 -8.35
N TYR A 59 -6.81 0.68 -8.71
CA TYR A 59 -5.48 1.11 -8.30
C TYR A 59 -4.49 0.65 -9.33
N GLN A 60 -3.34 1.34 -9.36
CA GLN A 60 -2.26 0.88 -10.22
C GLN A 60 -1.01 0.83 -9.35
N LEU A 61 -0.23 -0.21 -9.55
CA LEU A 61 1.01 -0.40 -8.84
C LEU A 61 2.16 0.17 -9.66
N CYS A 62 3.29 0.35 -9.00
CA CYS A 62 4.46 0.94 -9.63
C CYS A 62 4.88 0.20 -10.89
N ASP A 63 4.55 -1.09 -11.03
CA ASP A 63 4.98 -1.89 -12.17
C ASP A 63 4.01 -1.77 -13.35
N ASN A 64 2.97 -0.96 -13.17
CA ASN A 64 1.95 -0.59 -14.11
C ASN A 64 0.89 -1.67 -14.24
N SER A 65 0.93 -2.69 -13.40
CA SER A 65 -0.25 -3.53 -13.31
C SER A 65 -1.36 -2.72 -12.65
N VAL A 66 -2.59 -3.05 -13.01
CA VAL A 66 -3.76 -2.36 -12.49
CA VAL A 66 -3.75 -2.36 -12.47
C VAL A 66 -4.68 -3.40 -11.87
N GLY A 67 -5.41 -3.00 -10.84
CA GLY A 67 -6.37 -3.89 -10.23
C GLY A 67 -7.63 -3.11 -9.91
N VAL A 68 -8.73 -3.86 -9.73
CA VAL A 68 -9.95 -3.29 -9.17
C VAL A 68 -10.40 -4.21 -8.04
N LEU A 69 -10.59 -3.63 -6.85
CA LEU A 69 -11.28 -4.30 -5.76
C LEU A 69 -12.76 -3.96 -5.86
N PHE A 70 -13.57 -4.95 -6.21
CA PHE A 70 -14.98 -4.68 -6.47
C PHE A 70 -15.76 -4.68 -5.15
N ASN A 71 -16.99 -4.18 -5.22
CA ASN A 71 -17.80 -4.03 -4.02
C ASN A 71 -18.20 -5.38 -3.41
N ASP A 72 -18.07 -6.49 -4.15
CA ASP A 72 -18.31 -7.80 -3.57
C ASP A 72 -17.04 -8.40 -2.96
N SER A 73 -16.02 -7.59 -2.72
CA SER A 73 -14.77 -8.03 -2.14
C SER A 73 -14.06 -9.04 -3.03
N THR A 74 -14.39 -9.06 -4.31
CA THR A 74 -13.59 -9.76 -5.29
C THR A 74 -12.65 -8.77 -6.00
N ARG A 75 -11.62 -9.33 -6.65
CA ARG A 75 -10.44 -8.59 -7.07
C ARG A 75 -10.05 -9.08 -8.44
N LEU A 76 -9.83 -8.16 -9.39
CA LEU A 76 -9.38 -8.53 -10.72
C LEU A 76 -8.15 -7.69 -11.06
N ILE A 77 -7.05 -8.36 -11.38
CA ILE A 77 -5.77 -7.72 -11.64
C ILE A 77 -5.36 -8.03 -13.07
N LEU A 78 -4.89 -7.00 -13.78
CA LEU A 78 -4.34 -7.09 -15.14
C LEU A 78 -2.84 -6.90 -14.99
N TYR A 79 -2.07 -7.94 -15.31
CA TYR A 79 -0.63 -7.85 -15.17
C TYR A 79 -0.09 -6.89 -16.21
N ASN A 80 1.14 -6.42 -15.99
CA ASN A 80 1.69 -5.38 -16.85
C ASN A 80 1.93 -5.89 -18.28
N ASP A 81 1.62 -7.14 -18.57
CA ASP A 81 1.82 -7.59 -19.96
C ASP A 81 0.62 -7.25 -20.83
N GLY A 82 -0.45 -6.73 -20.23
CA GLY A 82 -1.65 -6.36 -20.94
C GLY A 82 -2.62 -7.50 -21.19
N ASP A 83 -2.25 -8.72 -20.85
CA ASP A 83 -3.03 -9.91 -21.18
C ASP A 83 -3.35 -10.79 -19.99
N SER A 84 -2.41 -10.94 -19.08
CA SER A 84 -2.57 -11.91 -18.00
C SER A 84 -3.42 -11.32 -16.87
N LEU A 85 -4.40 -12.10 -16.44
CA LEU A 85 -5.37 -11.70 -15.44
C LEU A 85 -5.23 -12.60 -14.22
N GLN A 86 -5.33 -12.02 -13.06
CA GLN A 86 -5.49 -12.74 -11.81
C GLN A 86 -6.80 -12.30 -11.19
N TYR A 87 -7.64 -13.26 -10.81
CA TYR A 87 -8.92 -13.00 -10.18
C TYR A 87 -8.90 -13.62 -8.80
N ILE A 88 -9.25 -12.85 -7.78
CA ILE A 88 -9.24 -13.33 -6.39
C ILE A 88 -10.66 -13.28 -5.86
N GLU A 89 -11.14 -14.43 -5.39
CA GLU A 89 -12.47 -14.48 -4.82
C GLU A 89 -12.49 -13.85 -3.43
N ARG A 90 -13.70 -13.75 -2.87
CA ARG A 90 -13.84 -13.22 -1.52
C ARG A 90 -13.12 -14.11 -0.50
N ASP A 91 -13.14 -15.43 -0.74
CA ASP A 91 -12.43 -16.38 0.12
C ASP A 91 -10.92 -16.23 0.02
N GLY A 92 -10.42 -15.55 -1.01
CA GLY A 92 -9.01 -15.45 -1.26
C GLY A 92 -8.50 -16.42 -2.32
N THR A 93 -9.31 -17.37 -2.75
CA THR A 93 -8.89 -18.30 -3.81
C THR A 93 -8.55 -17.53 -5.08
N GLU A 94 -7.40 -17.89 -5.68
CA GLU A 94 -6.81 -17.19 -6.82
C GLU A 94 -6.94 -18.01 -8.09
N SER A 95 -7.39 -17.35 -9.16
CA SER A 95 -7.67 -17.99 -10.44
C SER A 95 -7.04 -17.15 -11.54
N TYR A 96 -6.31 -17.79 -12.45
CA TYR A 96 -5.50 -17.08 -13.43
C TYR A 96 -6.06 -17.29 -14.82
N LEU A 97 -6.25 -16.20 -15.55
CA LEU A 97 -6.96 -16.17 -16.82
C LEU A 97 -6.19 -15.26 -17.76
N THR A 98 -6.73 -15.06 -18.97
CA THR A 98 -6.19 -14.06 -19.88
C THR A 98 -7.33 -13.27 -20.49
N VAL A 99 -7.04 -12.04 -20.91
CA VAL A 99 -8.04 -11.28 -21.63
C VAL A 99 -8.34 -11.93 -22.97
N SER A 100 -7.35 -12.59 -23.56
CA SER A 100 -7.54 -13.24 -24.86
C SER A 100 -8.60 -14.32 -24.79
N SER A 101 -8.44 -15.28 -23.88
CA SER A 101 -9.51 -16.21 -23.59
C SER A 101 -10.65 -15.48 -22.91
N HIS A 102 -11.88 -15.84 -23.27
CA HIS A 102 -13.04 -15.07 -22.82
C HIS A 102 -13.84 -15.85 -21.77
N PRO A 103 -13.82 -15.43 -20.50
CA PRO A 103 -14.71 -16.06 -19.51
C PRO A 103 -16.01 -15.27 -19.33
N ASN A 104 -17.13 -15.89 -19.66
CA ASN A 104 -18.41 -15.17 -19.67
C ASN A 104 -18.77 -14.65 -18.29
N SER A 105 -18.58 -15.48 -17.27
CA SER A 105 -18.91 -15.08 -15.91
C SER A 105 -18.11 -13.85 -15.46
N LEU A 106 -17.11 -13.42 -16.23
CA LEU A 106 -16.25 -12.30 -15.83
C LEU A 106 -16.11 -11.15 -16.82
N MET A 107 -16.70 -11.23 -18.02
CA MET A 107 -16.75 -10.07 -18.92
C MET A 107 -17.12 -8.77 -18.26
N LYS A 108 -18.17 -8.75 -17.46
CA LYS A 108 -18.52 -7.46 -16.90
C LYS A 108 -17.40 -6.91 -16.03
N LYS A 109 -16.82 -7.74 -15.15
CA LYS A 109 -15.69 -7.30 -14.35
C LYS A 109 -14.47 -6.98 -15.22
N ILE A 110 -14.21 -7.78 -16.25
CA ILE A 110 -13.13 -7.48 -17.17
C ILE A 110 -13.35 -6.15 -17.87
N THR A 111 -14.59 -5.91 -18.33
CA THR A 111 -14.91 -4.64 -18.97
C THR A 111 -14.67 -3.48 -18.02
N LEU A 112 -15.22 -3.56 -16.80
CA LEU A 112 -15.02 -2.52 -15.81
C LEU A 112 -13.53 -2.25 -15.60
N LEU A 113 -12.74 -3.32 -15.48
CA LEU A 113 -11.31 -3.14 -15.26
C LEU A 113 -10.66 -2.32 -16.38
N LYS A 114 -11.10 -2.54 -17.63
CA LYS A 114 -10.51 -1.77 -18.71
C LYS A 114 -10.88 -0.30 -18.62
N TYR A 115 -12.12 0.01 -18.24
CA TYR A 115 -12.49 1.41 -18.08
C TYR A 115 -11.75 2.05 -16.92
N PHE A 116 -11.61 1.33 -15.80
CA PHE A 116 -10.86 1.87 -14.66
C PHE A 116 -9.42 2.12 -15.06
N ARG A 117 -8.83 1.20 -15.82
CA ARG A 117 -7.45 1.36 -16.20
C ARG A 117 -7.28 2.62 -17.02
N ASN A 118 -8.19 2.84 -17.99
CA ASN A 118 -8.13 4.01 -18.86
C ASN A 118 -8.50 5.30 -18.16
N TYR A 119 -9.40 5.22 -17.16
CA TYR A 119 -9.68 6.40 -16.35
C TYR A 119 -8.43 6.89 -15.63
N MET A 120 -7.61 5.96 -15.14
CA MET A 120 -6.38 6.33 -14.43
C MET A 120 -5.23 6.67 -15.37
N SER A 121 -5.24 6.15 -16.58
CA SER A 121 -4.14 6.30 -17.53
C SER A 121 -4.01 7.74 -17.99
N GLU A 122 -2.79 8.12 -18.41
CA GLU A 122 -2.58 9.47 -18.91
C GLU A 122 -3.02 9.63 -20.38
N THR A 132 4.20 -1.82 -18.86
CA THR A 132 5.53 -2.19 -19.35
C THR A 132 6.32 -2.96 -18.30
N PRO A 133 7.10 -3.95 -18.72
CA PRO A 133 8.04 -4.56 -17.77
C PRO A 133 8.95 -3.46 -17.25
N ARG A 134 8.91 -3.24 -15.95
CA ARG A 134 9.86 -2.30 -15.43
C ARG A 134 11.18 -2.93 -15.01
N GLU A 135 11.31 -4.25 -15.12
CA GLU A 135 12.54 -4.94 -14.80
C GLU A 135 12.46 -6.32 -15.43
N GLY A 136 13.58 -7.05 -15.37
CA GLY A 136 13.63 -8.35 -16.04
C GLY A 136 12.95 -9.47 -15.25
N ASP A 137 12.12 -10.26 -15.94
CA ASP A 137 11.46 -11.45 -15.39
C ASP A 137 10.47 -10.99 -14.31
N GLU A 138 10.48 -11.55 -13.10
CA GLU A 138 9.65 -11.09 -11.99
C GLU A 138 8.16 -11.24 -12.28
N LEU A 139 7.78 -12.37 -12.88
CA LEU A 139 6.38 -12.61 -13.20
C LEU A 139 5.64 -13.18 -11.99
N ALA A 140 4.41 -12.69 -11.78
CA ALA A 140 3.55 -13.05 -10.65
C ALA A 140 4.21 -12.71 -9.31
N ARG A 141 3.65 -13.24 -8.21
CA ARG A 141 4.03 -12.83 -6.85
C ARG A 141 3.80 -11.34 -6.63
N LEU A 142 2.91 -10.78 -7.41
CA LEU A 142 2.51 -9.39 -7.35
C LEU A 142 1.50 -9.21 -6.23
N PRO A 143 1.64 -8.21 -5.35
CA PRO A 143 0.64 -8.04 -4.29
C PRO A 143 -0.65 -7.49 -4.84
N TYR A 144 -1.75 -7.79 -4.17
CA TYR A 144 -3.03 -7.18 -4.53
C TYR A 144 -3.58 -6.43 -3.32
N LEU A 145 -4.50 -5.53 -3.61
CA LEU A 145 -5.15 -4.75 -2.58
C LEU A 145 -6.09 -5.64 -1.77
N ARG A 146 -5.78 -5.83 -0.47
CA ARG A 146 -6.63 -6.68 0.37
C ARG A 146 -7.87 -5.92 0.83
N THR A 147 -7.65 -4.74 1.36
CA THR A 147 -8.75 -3.89 1.76
C THR A 147 -8.23 -2.47 1.84
N TRP A 148 -9.17 -1.56 2.00
CA TRP A 148 -8.89 -0.14 2.02
C TRP A 148 -10.00 0.56 2.78
N PHE A 149 -9.69 1.75 3.24
CA PHE A 149 -10.74 2.64 3.71
C PHE A 149 -10.20 4.05 3.61
N ARG A 150 -11.08 5.03 3.77
CA ARG A 150 -10.67 6.41 3.63
C ARG A 150 -11.21 7.20 4.79
N THR A 151 -10.48 8.23 5.14
CA THR A 151 -10.91 9.22 6.12
C THR A 151 -10.92 10.58 5.46
N ARG A 152 -11.29 11.58 6.23
CA ARG A 152 -11.24 12.94 5.73
C ARG A 152 -9.86 13.30 5.22
N SER A 153 -8.80 12.81 5.86
CA SER A 153 -7.46 13.24 5.52
C SER A 153 -6.66 12.22 4.71
N ALA A 154 -7.07 10.96 4.59
CA ALA A 154 -6.17 9.98 3.99
C ALA A 154 -6.96 8.84 3.34
N ILE A 155 -6.30 8.13 2.42
CA ILE A 155 -6.77 6.81 2.03
C ILE A 155 -5.75 5.78 2.53
N ILE A 156 -6.25 4.67 3.04
CA ILE A 156 -5.46 3.62 3.68
C ILE A 156 -5.60 2.35 2.84
N LEU A 157 -4.47 1.81 2.40
CA LEU A 157 -4.46 0.72 1.43
C LEU A 157 -3.65 -0.44 1.99
N HIS A 158 -4.28 -1.58 2.23
CA HIS A 158 -3.60 -2.74 2.80
C HIS A 158 -3.35 -3.78 1.69
N LEU A 159 -2.06 -4.02 1.39
CA LEU A 159 -1.67 -4.90 0.29
C LEU A 159 -1.42 -6.30 0.82
N SER A 160 -1.54 -7.30 -0.06
CA SER A 160 -1.48 -8.70 0.35
C SER A 160 -0.07 -9.15 0.74
N ASN A 161 0.94 -8.33 0.48
CA ASN A 161 2.29 -8.61 1.00
C ASN A 161 2.49 -8.07 2.41
N GLY A 162 1.44 -7.62 3.05
CA GLY A 162 1.53 -7.11 4.41
C GLY A 162 1.78 -5.64 4.51
N SER A 163 2.14 -4.98 3.41
CA SER A 163 2.43 -3.55 3.43
CA SER A 163 2.43 -3.56 3.48
C SER A 163 1.14 -2.76 3.60
N VAL A 164 1.24 -1.60 4.27
CA VAL A 164 0.14 -0.64 4.39
C VAL A 164 0.60 0.70 3.85
N GLN A 165 -0.10 1.24 2.90
CA GLN A 165 0.26 2.53 2.33
C GLN A 165 -0.82 3.52 2.74
N ILE A 166 -0.41 4.68 3.23
CA ILE A 166 -1.32 5.74 3.61
C ILE A 166 -1.00 6.99 2.81
N ASN A 167 -1.97 7.44 2.01
CA ASN A 167 -1.80 8.64 1.21
C ASN A 167 -2.58 9.74 1.91
N PHE A 168 -1.90 10.85 2.21
CA PHE A 168 -2.49 12.00 2.88
C PHE A 168 -2.93 13.01 1.83
N PHE A 169 -4.25 13.32 1.78
CA PHE A 169 -4.79 14.12 0.68
C PHE A 169 -4.22 15.52 0.66
N GLN A 170 -4.04 16.14 1.82
CA GLN A 170 -3.80 17.58 1.88
C GLN A 170 -2.48 17.97 1.24
N ASP A 171 -1.37 17.36 1.69
CA ASP A 171 -0.07 17.74 1.17
C ASP A 171 0.46 16.74 0.15
N HIS A 172 -0.34 15.74 -0.23
CA HIS A 172 0.06 14.69 -1.18
C HIS A 172 1.31 13.96 -0.69
N THR A 173 1.43 13.73 0.61
CA THR A 173 2.49 12.89 1.12
C THR A 173 1.96 11.48 1.35
N LYS A 174 2.89 10.55 1.57
CA LYS A 174 2.56 9.14 1.64
C LYS A 174 3.49 8.43 2.63
N LEU A 175 2.94 7.45 3.33
CA LEU A 175 3.72 6.49 4.12
C LEU A 175 3.51 5.10 3.57
N ILE A 176 4.60 4.36 3.42
CA ILE A 176 4.52 2.94 3.12
C ILE A 176 5.16 2.20 4.27
N LEU A 177 4.37 1.39 4.95
CA LEU A 177 4.82 0.66 6.13
C LEU A 177 5.04 -0.78 5.74
N CYS A 178 6.23 -1.32 6.03
CA CYS A 178 6.50 -2.74 5.68
CA CYS A 178 6.53 -2.71 5.68
C CYS A 178 6.82 -3.49 6.95
N PRO A 179 5.96 -4.40 7.38
CA PRO A 179 6.17 -5.07 8.66
C PRO A 179 7.22 -6.16 8.61
N LEU A 180 7.47 -6.73 7.45
CA LEU A 180 8.53 -7.73 7.34
C LEU A 180 9.89 -7.12 7.59
N MET A 181 10.13 -5.94 7.04
CA MET A 181 11.38 -5.26 7.33
C MET A 181 11.29 -4.24 8.44
N ALA A 182 10.13 -4.04 9.03
CA ALA A 182 9.99 -3.10 10.16
C ALA A 182 10.55 -1.74 9.76
N ALA A 183 10.04 -1.26 8.63
CA ALA A 183 10.52 -0.07 7.97
C ALA A 183 9.34 0.80 7.56
N VAL A 184 9.64 2.06 7.31
CA VAL A 184 8.65 2.96 6.77
C VAL A 184 9.30 3.81 5.71
N THR A 185 8.61 3.97 4.60
CA THR A 185 9.08 4.86 3.56
C THR A 185 8.15 6.06 3.55
N TYR A 186 8.73 7.24 3.59
CA TYR A 186 7.99 8.48 3.57
C TYR A 186 8.22 9.21 2.25
N ILE A 187 7.12 9.49 1.53
CA ILE A 187 7.21 10.26 0.30
C ILE A 187 6.63 11.63 0.59
N ASP A 188 7.43 12.68 0.39
CA ASP A 188 7.07 13.99 0.91
C ASP A 188 6.40 14.80 -0.19
N GLU A 189 6.12 16.07 0.11
CA GLU A 189 5.36 16.86 -0.85
C GLU A 189 6.15 17.09 -2.13
N LYS A 190 7.48 17.19 -2.02
CA LYS A 190 8.32 17.32 -3.21
C LYS A 190 8.38 16.03 -4.03
N ARG A 191 7.82 14.92 -3.51
CA ARG A 191 7.80 13.59 -4.12
C ARG A 191 9.14 12.87 -3.97
N ASP A 192 9.97 13.30 -3.04
CA ASP A 192 11.20 12.55 -2.73
C ASP A 192 10.85 11.47 -1.73
N PHE A 193 11.49 10.30 -1.87
CA PHE A 193 11.17 9.18 -1.01
C PHE A 193 12.40 8.79 -0.22
N ARG A 194 12.19 8.48 1.03
CA ARG A 194 13.26 8.05 1.92
CA ARG A 194 13.26 8.04 1.91
C ARG A 194 12.72 6.90 2.76
N THR A 195 13.55 5.87 2.93
CA THR A 195 13.15 4.66 3.67
C THR A 195 13.91 4.62 5.01
N TYR A 196 13.19 4.40 6.09
CA TYR A 196 13.71 4.40 7.45
C TYR A 196 13.43 3.08 8.16
N ARG A 197 14.37 2.58 8.97
CA ARG A 197 14.05 1.50 9.88
CA ARG A 197 14.05 1.50 9.89
C ARG A 197 13.37 2.08 11.13
N LEU A 198 12.23 1.51 11.51
CA LEU A 198 11.47 2.04 12.64
C LEU A 198 12.32 2.01 13.90
N SER A 199 13.11 0.95 14.10
CA SER A 199 13.93 0.91 15.33
C SER A 199 14.97 2.04 15.36
N LEU A 200 15.48 2.45 14.21
CA LEU A 200 16.46 3.52 14.15
C LEU A 200 15.82 4.89 14.28
N LEU A 201 14.56 5.04 13.86
CA LEU A 201 13.82 6.27 14.23
C LEU A 201 13.72 6.39 15.76
N GLU A 202 13.43 5.28 16.46
CA GLU A 202 13.45 5.33 17.92
C GLU A 202 14.80 5.80 18.46
N GLU A 203 15.87 5.25 17.89
CA GLU A 203 17.21 5.53 18.39
C GLU A 203 17.65 6.94 18.07
N TYR A 204 17.35 7.44 16.88
CA TYR A 204 17.94 8.70 16.44
C TYR A 204 16.98 9.86 16.39
N GLY A 205 15.67 9.62 16.48
CA GLY A 205 14.68 10.68 16.43
C GLY A 205 14.25 11.01 15.00
N CYS A 206 13.23 11.83 14.89
CA CYS A 206 12.75 12.24 13.58
C CYS A 206 12.00 13.57 13.76
N CYS A 207 11.61 14.15 12.64
CA CYS A 207 10.93 15.43 12.65
C CYS A 207 9.49 15.29 13.12
N LYS A 208 8.91 16.43 13.49
CA LYS A 208 7.56 16.42 14.04
CA LYS A 208 7.56 16.42 14.04
C LYS A 208 6.57 15.87 13.04
N GLU A 209 6.76 16.19 11.76
CA GLU A 209 5.82 15.76 10.73
C GLU A 209 5.75 14.25 10.62
N LEU A 210 6.93 13.61 10.53
CA LEU A 210 6.94 12.16 10.43
C LEU A 210 6.37 11.51 11.68
N ALA A 211 6.74 12.04 12.87
CA ALA A 211 6.22 11.49 14.11
C ALA A 211 4.70 11.57 14.16
N SER A 212 4.14 12.70 13.72
CA SER A 212 2.69 12.87 13.65
C SER A 212 2.03 11.86 12.70
N ARG A 213 2.66 11.59 11.56
CA ARG A 213 2.07 10.67 10.57
C ARG A 213 2.14 9.24 11.07
N LEU A 214 3.17 8.92 11.89
CA LEU A 214 3.27 7.59 12.46
C LEU A 214 2.24 7.36 13.55
N ARG A 215 1.90 8.41 14.33
CA ARG A 215 0.80 8.29 15.26
C ARG A 215 -0.50 8.07 14.49
N TYR A 216 -0.70 8.84 13.42
CA TYR A 216 -1.89 8.60 12.60
C TYR A 216 -1.92 7.19 12.01
N ALA A 217 -0.76 6.72 11.51
CA ALA A 217 -0.66 5.36 10.97
C ALA A 217 -1.07 4.32 12.01
N ARG A 218 -0.64 4.50 13.28
CA ARG A 218 -0.98 3.45 14.23
C ARG A 218 -2.48 3.41 14.42
N THR A 219 -3.11 4.59 14.49
CA THR A 219 -4.55 4.66 14.61
C THR A 219 -5.23 3.98 13.41
N MET A 220 -4.64 4.12 12.24
CA MET A 220 -5.23 3.49 11.03
C MET A 220 -5.06 1.97 11.03
N VAL A 221 -3.92 1.49 11.52
CA VAL A 221 -3.72 0.05 11.63
C VAL A 221 -4.63 -0.54 12.69
N ASP A 222 -4.86 0.18 13.81
CA ASP A 222 -5.89 -0.26 14.77
C ASP A 222 -7.21 -0.49 14.04
N LYS A 223 -7.59 0.45 13.18
CA LYS A 223 -8.84 0.30 12.43
C LYS A 223 -8.81 -0.92 11.54
N LEU A 224 -7.69 -1.13 10.85
CA LEU A 224 -7.66 -2.29 9.94
C LEU A 224 -7.86 -3.57 10.72
N LEU A 225 -7.27 -3.65 11.92
CA LEU A 225 -7.34 -4.84 12.75
C LEU A 225 -8.69 -5.00 13.43
N SER A 226 -9.33 -3.89 13.79
CA SER A 226 -10.63 -3.99 14.44
C SER A 226 -11.71 -4.40 13.44
N SER A 227 -11.57 -3.95 12.19
CA SER A 227 -12.48 -4.36 11.14
C SER A 227 -12.35 -5.84 10.83
N ARG A 228 -11.11 -6.33 10.77
CA ARG A 228 -10.80 -7.74 10.53
C ARG A 228 -11.49 -8.27 9.27
C1 GOL B . 24.96 9.07 7.91
O1 GOL B . 25.86 10.14 8.05
C2 GOL B . 25.75 7.79 7.44
O2 GOL B . 27.13 7.99 7.38
C3 GOL B . 25.37 6.67 8.47
O3 GOL B . 23.96 6.62 8.58
C13 VIH C . 14.37 3.33 -6.90
C15 VIH C . 10.63 3.39 -5.63
C02 VIH C . 10.58 5.20 -7.26
C03 VIH C . 9.64 5.83 -6.37
C05 VIH C . 8.09 7.26 -5.26
C07 VIH C . 8.28 6.12 -4.50
C08 VIH C . 9.22 5.28 -5.16
C11 VIH C . 11.97 3.19 -7.65
C12 VIH C . 13.33 3.75 -7.90
C14 VIH C . 14.39 2.76 -8.29
C18 VIH C . 9.52 3.26 -3.72
N09 VIH C . 9.75 4.05 -4.83
N10 VIH C . 11.06 3.96 -6.80
N16 VIH C . 11.01 2.24 -5.14
N17 VIH C . 10.32 2.13 -3.96
O01 VIH C . 10.95 5.73 -8.29
S04 VIH C . 8.95 7.36 -6.72
S19 VIH C . 8.49 3.48 -2.42
CL1 VIH C . 7.06 8.57 -4.89
#